data_3S8J
#
_entry.id   3S8J
#
_cell.length_a   74.699
_cell.length_b   74.699
_cell.length_c   78.970
_cell.angle_alpha   90.00
_cell.angle_beta   90.00
_cell.angle_gamma   120.00
#
_symmetry.space_group_name_H-M   'P 31'
#
loop_
_entity.id
_entity.type
_entity.pdbx_description
1 polymer 'Latex serine proteinase inhibitor'
2 non-polymer 2-acetamido-2-deoxy-beta-D-glucopyranose
3 non-polymer 'ACETATE ION'
4 non-polymer GLYCEROL
5 non-polymer 'FORMIC ACID'
6 water water
#
_entity_poly.entity_id   1
_entity_poly.type   'polypeptide(L)'
_entity_poly.pdbx_seq_one_letter_code
;VAPKPIVDIDGKPVLYGVDYFVVSAIWGAGGGGLTVYGPGNKKKCPLSVVQDPFDNGEPIIFSAIKNVKDNIVRESVDLN
VKFNITINCNETTAWKVDRFPGVIGWTVTLGGEKGYHGFESTHSMFKIKKAGLPFSYKFHFCPSYPRTRLIPCNNVDIFF
DKYRIRRLILTNDAKEFVFIKTNR
;
_entity_poly.pdbx_strand_id   A,B
#
loop_
_chem_comp.id
_chem_comp.type
_chem_comp.name
_chem_comp.formula
ACT non-polymer 'ACETATE ION' 'C2 H3 O2 -1'
FMT non-polymer 'FORMIC ACID' 'C H2 O2'
GOL non-polymer GLYCEROL 'C3 H8 O3'
NAG D-saccharide, beta linking 2-acetamido-2-deoxy-beta-D-glucopyranose 'C8 H15 N O6'
#
# COMPACT_ATOMS: atom_id res chain seq x y z
N ALA A 2 -11.17 -15.92 -35.01
CA ALA A 2 -11.36 -15.26 -33.71
C ALA A 2 -10.05 -15.21 -32.91
N PRO A 3 -9.75 -14.02 -32.35
CA PRO A 3 -8.53 -13.81 -31.56
C PRO A 3 -8.38 -14.88 -30.48
N LYS A 4 -7.19 -15.45 -30.35
CA LYS A 4 -6.96 -16.47 -29.34
C LYS A 4 -7.40 -15.91 -27.98
N PRO A 5 -7.92 -16.77 -27.08
CA PRO A 5 -8.39 -16.33 -25.76
C PRO A 5 -7.28 -15.97 -24.75
N ILE A 6 -7.60 -15.09 -23.81
CA ILE A 6 -6.66 -14.74 -22.75
C ILE A 6 -6.72 -15.83 -21.70
N VAL A 7 -5.56 -16.34 -21.28
CA VAL A 7 -5.53 -17.42 -20.30
C VAL A 7 -4.90 -17.03 -18.98
N ASP A 8 -5.49 -17.54 -17.89
CA ASP A 8 -4.95 -17.32 -16.58
C ASP A 8 -3.74 -18.24 -16.38
N ILE A 9 -3.10 -18.11 -15.22
CA ILE A 9 -1.88 -18.86 -14.96
C ILE A 9 -2.16 -20.35 -14.95
N ASP A 10 -3.40 -20.72 -14.71
CA ASP A 10 -3.77 -22.13 -14.61
C ASP A 10 -4.14 -22.70 -15.97
N GLY A 11 -3.93 -21.91 -17.02
CA GLY A 11 -4.18 -22.36 -18.38
C GLY A 11 -5.64 -22.30 -18.75
N LYS A 12 -6.48 -21.91 -17.79
CA LYS A 12 -7.91 -21.76 -18.04
C LYS A 12 -8.17 -20.34 -18.51
N PRO A 13 -9.13 -20.17 -19.42
CA PRO A 13 -9.48 -18.88 -20.04
C PRO A 13 -9.90 -17.81 -19.05
N VAL A 14 -9.58 -16.55 -19.40
CA VAL A 14 -9.98 -15.40 -18.59
C VAL A 14 -11.37 -14.99 -19.05
N LEU A 15 -12.21 -14.62 -18.09
CA LEU A 15 -13.62 -14.33 -18.37
C LEU A 15 -14.02 -12.95 -17.85
N TYR A 16 -15.05 -12.36 -18.45
CA TYR A 16 -15.64 -11.16 -17.89
C TYR A 16 -16.48 -11.54 -16.67
N GLY A 17 -16.68 -10.60 -15.75
CA GLY A 17 -17.53 -10.85 -14.60
C GLY A 17 -16.88 -11.51 -13.39
N VAL A 18 -15.64 -11.96 -13.54
CA VAL A 18 -14.94 -12.66 -12.46
C VAL A 18 -13.70 -11.91 -11.97
N ASP A 19 -13.34 -12.15 -10.71
CA ASP A 19 -12.22 -11.46 -10.07
C ASP A 19 -10.90 -12.07 -10.46
N TYR A 20 -9.96 -11.21 -10.83
CA TYR A 20 -8.60 -11.67 -11.09
C TYR A 20 -7.62 -10.83 -10.31
N PHE A 21 -6.41 -11.34 -10.17
CA PHE A 21 -5.27 -10.51 -9.83
C PHE A 21 -4.41 -10.39 -11.10
N VAL A 22 -4.02 -9.17 -11.45
CA VAL A 22 -3.08 -8.95 -12.54
C VAL A 22 -1.71 -8.66 -11.90
N VAL A 23 -0.79 -9.62 -12.03
CA VAL A 23 0.44 -9.62 -11.25
C VAL A 23 1.67 -9.63 -12.16
N SER A 24 2.80 -9.09 -11.70
CA SER A 24 3.97 -9.06 -12.56
C SER A 24 4.26 -10.49 -12.93
N ALA A 25 4.58 -10.73 -14.20
CA ALA A 25 4.80 -12.09 -14.69
C ALA A 25 6.08 -12.68 -14.14
N ILE A 26 6.89 -11.85 -13.49
CA ILE A 26 8.14 -12.32 -12.90
C ILE A 26 7.99 -12.69 -11.42
N TRP A 27 8.59 -13.82 -11.07
CA TRP A 27 8.52 -14.39 -9.74
C TRP A 27 9.79 -14.11 -8.98
N GLY A 28 9.66 -13.61 -7.75
CA GLY A 28 10.83 -13.24 -6.98
C GLY A 28 11.39 -11.90 -7.40
N ALA A 29 10.65 -11.16 -8.23
CA ALA A 29 11.11 -9.88 -8.76
C ALA A 29 10.05 -9.17 -9.59
N GLY A 30 10.34 -7.92 -9.94
CA GLY A 30 9.51 -7.14 -10.84
C GLY A 30 8.22 -6.59 -10.26
N GLY A 31 8.08 -6.64 -8.95
CA GLY A 31 6.89 -6.13 -8.29
C GLY A 31 5.80 -7.16 -8.15
N GLY A 32 4.70 -6.78 -7.49
CA GLY A 32 3.55 -7.63 -7.29
C GLY A 32 2.44 -7.26 -8.24
N GLY A 33 1.20 -7.35 -7.79
CA GLY A 33 0.05 -7.02 -8.61
C GLY A 33 -0.38 -5.58 -8.53
N LEU A 34 -1.68 -5.33 -8.74
CA LEU A 34 -2.19 -3.96 -8.91
C LEU A 34 -3.16 -3.41 -7.85
N THR A 35 -3.03 -2.13 -7.58
CA THR A 35 -3.83 -1.45 -6.57
C THR A 35 -4.04 -0.04 -7.04
N VAL A 36 -4.48 0.80 -6.11
CA VAL A 36 -4.60 2.22 -6.35
C VAL A 36 -3.82 2.98 -5.28
N TYR A 37 -3.74 4.29 -5.43
CA TYR A 37 -2.96 5.09 -4.52
C TYR A 37 -3.17 6.53 -4.89
N GLY A 38 -2.84 7.43 -3.98
CA GLY A 38 -3.12 8.84 -4.14
C GLY A 38 -1.91 9.59 -4.66
N PRO A 39 -1.93 10.92 -4.52
CA PRO A 39 -0.84 11.75 -5.01
C PRO A 39 0.49 11.56 -4.27
N GLY A 40 0.44 11.17 -2.99
CA GLY A 40 1.66 11.06 -2.22
C GLY A 40 1.86 12.42 -1.57
N ASN A 41 1.22 13.41 -2.17
CA ASN A 41 0.99 14.68 -1.54
C ASN A 41 0.07 14.37 -0.39
N LYS A 42 0.02 15.24 0.61
CA LYS A 42 -0.87 15.01 1.73
C LYS A 42 -2.24 14.67 1.15
N LYS A 43 -2.48 15.17 -0.07
CA LYS A 43 -3.72 14.94 -0.78
C LYS A 43 -4.03 13.46 -0.78
N LYS A 44 -5.25 13.14 -0.39
CA LYS A 44 -5.72 11.77 -0.33
C LYS A 44 -6.14 11.30 -1.71
N CYS A 45 -6.84 12.17 -2.42
CA CYS A 45 -7.45 11.82 -3.71
C CYS A 45 -6.98 12.74 -4.83
N PRO A 46 -7.13 12.32 -6.09
CA PRO A 46 -7.73 11.05 -6.53
C PRO A 46 -6.74 9.88 -6.55
N LEU A 47 -7.24 8.73 -6.96
CA LEU A 47 -6.43 7.52 -7.01
C LEU A 47 -5.95 7.18 -8.43
N SER A 48 -4.70 6.73 -8.53
CA SER A 48 -4.14 6.26 -9.78
C SER A 48 -3.85 4.80 -9.60
N VAL A 49 -3.85 4.05 -10.71
CA VAL A 49 -3.59 2.63 -10.63
C VAL A 49 -2.10 2.43 -10.52
N VAL A 50 -1.70 1.64 -9.53
CA VAL A 50 -0.31 1.46 -9.16
C VAL A 50 0.01 -0.01 -8.93
N GLN A 51 1.27 -0.38 -9.10
CA GLN A 51 1.67 -1.75 -8.87
C GLN A 51 2.21 -1.88 -7.47
N ASP A 52 1.77 -2.92 -6.76
CA ASP A 52 2.28 -3.24 -5.43
C ASP A 52 3.68 -3.86 -5.59
N PRO A 53 4.63 -3.44 -4.75
CA PRO A 53 6.00 -3.94 -4.84
C PRO A 53 6.13 -5.45 -4.63
N PHE A 54 5.16 -6.03 -3.92
CA PHE A 54 5.23 -7.44 -3.54
C PHE A 54 3.91 -8.22 -3.74
N ASP A 55 2.91 -7.81 -2.97
CA ASP A 55 1.65 -8.50 -2.84
C ASP A 55 0.90 -8.52 -4.17
N ASN A 56 -0.03 -9.46 -4.29
CA ASN A 56 -0.87 -9.63 -5.47
C ASN A 56 -1.75 -8.42 -5.77
N GLY A 57 -1.86 -7.50 -4.82
CA GLY A 57 -2.76 -6.37 -4.98
C GLY A 57 -4.23 -6.76 -4.98
N GLU A 58 -5.06 -5.90 -5.57
CA GLU A 58 -6.53 -6.04 -5.50
C GLU A 58 -7.15 -6.87 -6.61
N PRO A 59 -8.40 -7.32 -6.39
CA PRO A 59 -9.18 -8.06 -7.38
C PRO A 59 -9.66 -7.14 -8.47
N ILE A 60 -9.65 -7.62 -9.70
CA ILE A 60 -9.93 -6.81 -10.85
C ILE A 60 -10.96 -7.52 -11.69
N ILE A 61 -11.88 -6.75 -12.25
CA ILE A 61 -12.91 -7.31 -13.10
C ILE A 61 -12.93 -6.63 -14.46
N PHE A 62 -12.73 -7.42 -15.50
CA PHE A 62 -12.94 -6.93 -16.85
C PHE A 62 -14.42 -6.97 -17.18
N SER A 63 -14.83 -6.12 -18.11
CA SER A 63 -16.18 -6.17 -18.63
C SER A 63 -16.19 -5.78 -20.10
N ALA A 64 -17.02 -6.47 -20.87
CA ALA A 64 -17.01 -6.34 -22.32
C ALA A 64 -17.60 -5.04 -22.79
N ILE A 65 -16.99 -4.45 -23.81
CA ILE A 65 -17.62 -3.34 -24.51
C ILE A 65 -18.76 -3.89 -25.40
N LYS A 66 -18.52 -5.02 -26.07
CA LYS A 66 -19.58 -5.72 -26.79
C LYS A 66 -19.93 -7.04 -26.11
N ASN A 67 -21.21 -7.38 -26.09
CA ASN A 67 -21.64 -8.66 -25.53
C ASN A 67 -20.83 -9.82 -26.12
N VAL A 68 -20.26 -10.65 -25.25
CA VAL A 68 -19.51 -11.83 -25.66
C VAL A 68 -20.29 -13.08 -25.28
N LYS A 69 -20.61 -13.89 -26.27
CA LYS A 69 -21.49 -15.04 -26.08
C LYS A 69 -21.01 -15.99 -24.98
N ASP A 70 -19.76 -16.43 -25.09
CA ASP A 70 -19.19 -17.39 -24.15
C ASP A 70 -18.60 -16.68 -22.93
N ASN A 71 -18.58 -15.36 -22.97
CA ASN A 71 -18.04 -14.53 -21.90
C ASN A 71 -16.53 -14.64 -21.67
N ILE A 72 -15.79 -14.96 -22.72
CA ILE A 72 -14.34 -15.11 -22.61
C ILE A 72 -13.58 -13.90 -23.15
N VAL A 73 -12.66 -13.38 -22.34
CA VAL A 73 -11.81 -12.28 -22.76
C VAL A 73 -10.82 -12.74 -23.83
N ARG A 74 -10.75 -12.01 -24.94
CA ARG A 74 -9.86 -12.36 -26.05
C ARG A 74 -8.85 -11.28 -26.41
N GLU A 75 -7.82 -11.65 -27.16
CA GLU A 75 -6.72 -10.76 -27.48
C GLU A 75 -7.15 -9.53 -28.30
N SER A 76 -6.57 -8.38 -27.97
CA SER A 76 -6.73 -7.19 -28.79
C SER A 76 -8.16 -6.74 -28.91
N VAL A 77 -8.97 -7.03 -27.90
CA VAL A 77 -10.34 -6.53 -27.87
C VAL A 77 -10.47 -5.44 -26.80
N ASP A 78 -11.14 -4.35 -27.16
CA ASP A 78 -11.35 -3.23 -26.25
C ASP A 78 -12.27 -3.64 -25.12
N LEU A 79 -11.85 -3.37 -23.89
CA LEU A 79 -12.64 -3.78 -22.74
C LEU A 79 -12.41 -2.84 -21.55
N ASN A 80 -13.32 -2.91 -20.58
CA ASN A 80 -13.24 -2.12 -19.37
C ASN A 80 -12.56 -2.91 -18.24
N VAL A 81 -11.79 -2.22 -17.42
CA VAL A 81 -11.19 -2.81 -16.25
C VAL A 81 -11.66 -2.02 -15.03
N LYS A 82 -12.01 -2.72 -13.96
CA LYS A 82 -12.31 -2.06 -12.68
C LYS A 82 -11.77 -2.91 -11.57
N PHE A 83 -11.41 -2.27 -10.47
CA PHE A 83 -11.06 -2.98 -9.23
C PHE A 83 -12.36 -3.32 -8.53
N ASN A 84 -12.42 -4.49 -7.91
CA ASN A 84 -13.60 -4.79 -7.13
C ASN A 84 -13.20 -4.52 -5.68
N ILE A 85 -13.50 -3.32 -5.21
CA ILE A 85 -13.03 -2.88 -3.89
C ILE A 85 -13.73 -1.63 -3.44
N THR A 86 -13.44 -1.27 -2.20
CA THR A 86 -14.05 -0.13 -1.54
C THR A 86 -13.03 0.98 -1.45
N ILE A 87 -13.34 2.12 -2.05
CA ILE A 87 -12.44 3.26 -2.02
C ILE A 87 -13.09 4.48 -1.39
N ASN A 88 -12.25 5.36 -0.84
CA ASN A 88 -12.73 6.51 -0.09
C ASN A 88 -12.83 7.79 -0.91
N CYS A 89 -12.52 7.71 -2.21
CA CYS A 89 -12.57 8.92 -3.05
C CYS A 89 -13.88 9.10 -3.78
N ASN A 90 -13.98 10.21 -4.50
CA ASN A 90 -15.22 10.70 -5.10
C ASN A 90 -15.48 10.13 -6.49
N GLU A 91 -14.68 9.13 -6.88
CA GLU A 91 -14.70 8.55 -8.23
C GLU A 91 -15.04 7.07 -8.25
N THR A 92 -15.43 6.56 -9.42
CA THR A 92 -15.62 5.11 -9.61
C THR A 92 -14.30 4.37 -9.56
N THR A 93 -14.38 3.06 -9.37
CA THR A 93 -13.20 2.18 -9.39
C THR A 93 -12.69 1.82 -10.81
N ALA A 94 -13.44 2.19 -11.85
CA ALA A 94 -13.08 1.90 -13.24
C ALA A 94 -11.80 2.61 -13.70
N TRP A 95 -11.00 1.91 -14.50
CA TRP A 95 -9.76 2.44 -15.02
C TRP A 95 -10.04 3.33 -16.20
N LYS A 96 -9.20 4.35 -16.34
CA LYS A 96 -9.23 5.18 -17.53
C LYS A 96 -7.87 5.81 -17.71
N VAL A 97 -7.61 6.34 -18.90
CA VAL A 97 -6.43 7.17 -19.13
C VAL A 97 -6.76 8.68 -19.05
N ASP A 98 -6.06 9.37 -18.16
CA ASP A 98 -6.19 10.81 -17.97
C ASP A 98 -4.90 11.31 -17.31
N ARG A 99 -4.70 12.63 -17.30
CA ARG A 99 -3.57 13.22 -16.57
C ARG A 99 -3.68 13.00 -15.05
N PHE A 100 -2.54 12.90 -14.37
CA PHE A 100 -2.57 12.73 -12.92
C PHE A 100 -1.61 13.74 -12.25
N PRO A 101 -2.00 14.26 -11.09
CA PRO A 101 -1.22 15.23 -10.31
C PRO A 101 0.21 14.77 -10.03
N GLY A 102 1.20 15.64 -10.26
CA GLY A 102 2.58 15.33 -9.97
C GLY A 102 3.16 14.25 -10.83
N VAL A 103 2.48 13.98 -11.95
CA VAL A 103 2.93 12.97 -12.91
C VAL A 103 2.82 13.50 -14.34
N ILE A 104 3.96 13.58 -15.01
CA ILE A 104 4.02 13.99 -16.41
C ILE A 104 3.49 12.88 -17.30
N GLY A 105 2.78 13.28 -18.35
CA GLY A 105 2.24 12.32 -19.31
C GLY A 105 0.82 11.86 -19.05
N TRP A 106 0.49 10.68 -19.57
CA TRP A 106 -0.82 10.09 -19.36
C TRP A 106 -0.74 8.94 -18.38
N THR A 107 -1.55 9.03 -17.33
CA THR A 107 -1.53 8.06 -16.25
C THR A 107 -2.79 7.22 -16.32
N VAL A 108 -2.67 5.93 -15.99
CA VAL A 108 -3.85 5.12 -15.80
C VAL A 108 -4.37 5.45 -14.43
N THR A 109 -5.57 6.00 -14.38
CA THR A 109 -6.18 6.37 -13.10
C THR A 109 -7.52 5.69 -12.97
N LEU A 110 -8.21 6.05 -11.89
CA LEU A 110 -9.55 5.58 -11.66
C LEU A 110 -10.54 6.57 -12.27
N GLY A 111 -11.81 6.44 -11.90
CA GLY A 111 -12.81 7.37 -12.37
C GLY A 111 -13.12 7.15 -13.84
N GLY A 112 -12.98 5.91 -14.30
CA GLY A 112 -13.29 5.58 -15.69
C GLY A 112 -14.77 5.38 -15.94
N GLU A 113 -15.16 5.24 -17.21
CA GLU A 113 -16.54 4.95 -17.59
C GLU A 113 -16.74 3.49 -18.03
N LYS A 114 -17.94 2.96 -17.79
CA LYS A 114 -18.32 1.64 -18.29
C LYS A 114 -19.22 1.73 -19.54
N GLY A 115 -18.84 0.99 -20.58
CA GLY A 115 -19.53 1.01 -21.85
C GLY A 115 -18.94 2.07 -22.76
N TYR A 116 -19.26 2.00 -24.05
CA TYR A 116 -18.94 3.09 -24.96
C TYR A 116 -20.16 3.95 -25.20
N HIS A 117 -20.04 5.24 -24.91
CA HIS A 117 -20.90 6.27 -25.47
C HIS A 117 -20.02 7.47 -25.78
N GLY A 118 -19.87 7.82 -27.06
CA GLY A 118 -19.07 8.98 -27.40
C GLY A 118 -17.62 8.88 -26.91
N PHE A 119 -16.86 9.95 -27.08
CA PHE A 119 -15.41 9.92 -26.91
C PHE A 119 -14.92 9.62 -25.52
N GLU A 120 -15.39 10.39 -24.56
CA GLU A 120 -14.92 10.26 -23.18
C GLU A 120 -14.87 8.82 -22.71
N SER A 121 -15.89 8.06 -23.09
CA SER A 121 -15.98 6.67 -22.66
C SER A 121 -14.79 5.84 -23.14
N THR A 122 -14.18 6.25 -24.25
CA THR A 122 -13.13 5.48 -24.90
C THR A 122 -11.80 5.54 -24.15
N HIS A 123 -11.75 6.38 -23.12
CA HIS A 123 -10.56 6.45 -22.26
C HIS A 123 -10.52 5.28 -21.29
N SER A 124 -11.67 4.63 -21.13
CA SER A 124 -11.78 3.49 -20.26
C SER A 124 -11.65 2.16 -21.00
N MET A 125 -11.29 2.21 -22.27
CA MET A 125 -11.08 1.01 -23.08
C MET A 125 -9.62 0.64 -23.22
N PHE A 126 -9.27 -0.54 -22.72
CA PHE A 126 -7.92 -1.07 -22.92
C PHE A 126 -8.00 -2.40 -23.65
N LYS A 127 -6.94 -2.72 -24.39
CA LYS A 127 -6.76 -4.01 -25.00
C LYS A 127 -5.64 -4.73 -24.29
N ILE A 128 -5.79 -6.05 -24.17
CA ILE A 128 -4.74 -6.92 -23.69
C ILE A 128 -4.14 -7.65 -24.90
N LYS A 129 -2.84 -7.85 -24.89
CA LYS A 129 -2.19 -8.57 -25.98
C LYS A 129 -1.08 -9.47 -25.41
N LYS A 130 -0.86 -10.61 -26.05
CA LYS A 130 0.17 -11.56 -25.61
C LYS A 130 1.54 -10.88 -25.53
N ALA A 131 2.36 -11.30 -24.57
CA ALA A 131 3.70 -10.74 -24.39
C ALA A 131 4.77 -11.85 -24.39
N GLY A 132 6.01 -11.48 -24.14
CA GLY A 132 7.14 -12.38 -24.31
C GLY A 132 7.22 -13.55 -23.35
N LEU A 133 7.17 -13.26 -22.06
CA LEU A 133 7.37 -14.27 -21.05
C LEU A 133 6.19 -15.24 -20.94
N PRO A 134 6.42 -16.40 -20.27
CA PRO A 134 5.41 -17.45 -20.19
C PRO A 134 4.17 -16.99 -19.46
N PHE A 135 3.02 -17.14 -20.12
CA PHE A 135 1.72 -16.73 -19.56
C PHE A 135 1.45 -15.21 -19.59
N SER A 136 2.37 -14.42 -20.12
CA SER A 136 2.30 -12.95 -20.04
C SER A 136 1.35 -12.25 -21.00
N TYR A 137 0.78 -11.15 -20.51
CA TYR A 137 -0.02 -10.27 -21.34
C TYR A 137 0.39 -8.83 -21.04
N LYS A 138 0.08 -7.92 -21.96
CA LYS A 138 0.37 -6.52 -21.77
C LYS A 138 -0.93 -5.72 -21.95
N PHE A 139 -1.00 -4.54 -21.34
CA PHE A 139 -2.09 -3.63 -21.62
C PHE A 139 -1.70 -2.61 -22.66
N HIS A 140 -2.48 -2.56 -23.73
CA HIS A 140 -2.25 -1.64 -24.83
C HIS A 140 -3.45 -0.71 -24.89
N PHE A 141 -3.22 0.58 -25.11
CA PHE A 141 -4.34 1.53 -25.29
C PHE A 141 -4.45 2.04 -26.73
N CYS A 142 -5.45 1.58 -27.45
CA CYS A 142 -5.79 2.18 -28.74
C CYS A 142 -7.29 2.01 -29.08
N PRO A 143 -8.18 2.66 -28.34
CA PRO A 143 -9.59 2.24 -28.47
C PRO A 143 -9.99 2.16 -29.93
N SER A 144 -10.82 1.16 -30.27
CA SER A 144 -11.30 1.00 -31.64
C SER A 144 -12.59 1.76 -31.87
N TYR A 145 -12.93 2.63 -30.94
CA TYR A 145 -14.12 3.43 -31.05
C TYR A 145 -13.74 4.90 -31.26
N PRO A 146 -14.67 5.70 -31.80
CA PRO A 146 -14.40 7.09 -32.16
C PRO A 146 -14.01 7.92 -30.96
N ARG A 147 -12.89 8.62 -31.07
CA ARG A 147 -12.35 9.40 -29.96
C ARG A 147 -11.58 10.57 -30.53
N THR A 148 -11.12 11.44 -29.64
CA THR A 148 -10.36 12.60 -30.09
C THR A 148 -8.92 12.16 -30.21
N ARG A 149 -8.07 13.06 -30.69
CA ARG A 149 -6.68 12.71 -30.93
C ARG A 149 -5.82 12.96 -29.69
N LEU A 150 -6.44 13.41 -28.60
CA LEU A 150 -5.68 13.96 -27.46
C LEU A 150 -4.78 12.96 -26.71
N ILE A 151 -5.21 11.70 -26.63
CA ILE A 151 -4.44 10.70 -25.92
C ILE A 151 -3.83 9.72 -26.91
N PRO A 152 -2.48 9.67 -26.93
CA PRO A 152 -1.77 8.84 -27.89
C PRO A 152 -1.96 7.36 -27.59
N CYS A 153 -2.22 6.59 -28.62
CA CYS A 153 -2.22 5.15 -28.51
C CYS A 153 -0.84 4.74 -27.99
N ASN A 154 -0.77 3.75 -27.10
CA ASN A 154 0.51 3.31 -26.53
C ASN A 154 0.35 2.15 -25.55
N ASN A 155 1.49 1.55 -25.17
CA ASN A 155 1.54 0.53 -24.12
C ASN A 155 1.52 1.10 -22.70
N VAL A 156 1.13 0.26 -21.74
CA VAL A 156 1.23 0.63 -20.35
C VAL A 156 2.50 0.02 -19.73
N ASP A 157 3.27 0.86 -19.05
CA ASP A 157 4.40 0.38 -18.27
C ASP A 157 4.31 1.00 -16.89
N ILE A 158 5.35 0.83 -16.09
CA ILE A 158 5.35 1.44 -14.76
C ILE A 158 6.38 2.55 -14.73
N PHE A 159 6.13 3.54 -13.86
CA PHE A 159 6.98 4.70 -13.76
C PHE A 159 7.21 4.97 -12.28
N PHE A 160 8.47 5.24 -11.91
CA PHE A 160 8.77 5.64 -10.54
C PHE A 160 8.79 7.15 -10.42
N ASP A 161 7.80 7.70 -9.72
CA ASP A 161 7.67 9.14 -9.71
C ASP A 161 8.40 9.76 -8.53
N LYS A 162 8.20 11.06 -8.35
CA LYS A 162 8.92 11.80 -7.33
C LYS A 162 8.99 11.03 -5.99
N TYR A 163 7.90 10.37 -5.61
CA TYR A 163 7.85 9.73 -4.30
C TYR A 163 8.37 8.28 -4.31
N ARG A 164 8.86 7.84 -5.47
CA ARG A 164 9.26 6.44 -5.66
C ARG A 164 8.06 5.49 -5.68
N ILE A 165 6.94 5.96 -6.21
CA ILE A 165 5.73 5.16 -6.32
C ILE A 165 5.60 4.65 -7.75
N ARG A 166 5.02 3.46 -7.91
CA ARG A 166 4.91 2.84 -9.24
C ARG A 166 3.56 3.13 -9.82
N ARG A 167 3.54 4.12 -10.72
CA ARG A 167 2.37 4.54 -11.45
C ARG A 167 2.20 3.65 -12.68
N LEU A 168 0.98 3.54 -13.20
CA LEU A 168 0.88 3.06 -14.57
C LEU A 168 0.72 4.23 -15.53
N ILE A 169 1.48 4.18 -16.62
CA ILE A 169 1.48 5.23 -17.62
C ILE A 169 1.52 4.59 -19.01
N LEU A 170 1.17 5.38 -20.01
CA LEU A 170 1.26 4.98 -21.41
C LEU A 170 2.63 5.33 -21.92
N THR A 171 3.31 4.37 -22.51
CA THR A 171 4.66 4.62 -22.94
C THR A 171 5.06 3.57 -23.95
N ASN A 172 6.15 3.82 -24.67
CA ASN A 172 6.59 2.90 -25.70
C ASN A 172 6.74 1.50 -25.13
N ASP A 173 7.49 1.35 -24.05
CA ASP A 173 7.72 0.04 -23.47
C ASP A 173 6.42 -0.45 -22.85
N ALA A 174 6.44 -1.64 -22.26
CA ALA A 174 5.23 -2.21 -21.68
C ALA A 174 5.54 -3.18 -20.55
N LYS A 175 4.63 -3.25 -19.59
CA LYS A 175 4.75 -4.22 -18.50
C LYS A 175 3.99 -5.51 -18.83
N GLU A 176 4.56 -6.64 -18.44
CA GLU A 176 4.02 -7.98 -18.70
C GLU A 176 3.41 -8.57 -17.43
N PHE A 177 2.11 -8.83 -17.46
CA PHE A 177 1.39 -9.31 -16.29
C PHE A 177 0.81 -10.66 -16.61
N VAL A 178 0.45 -11.38 -15.54
CA VAL A 178 -0.30 -12.61 -15.67
C VAL A 178 -1.58 -12.41 -14.89
N PHE A 179 -2.58 -13.24 -15.17
CA PHE A 179 -3.86 -13.17 -14.48
C PHE A 179 -4.08 -14.40 -13.62
N ILE A 180 -4.50 -14.16 -12.39
CA ILE A 180 -4.71 -15.24 -11.45
C ILE A 180 -6.13 -15.18 -10.91
N LYS A 181 -6.86 -16.27 -11.06
CA LYS A 181 -8.22 -16.34 -10.55
C LYS A 181 -8.16 -15.96 -9.08
N THR A 182 -9.11 -15.17 -8.62
CA THR A 182 -9.07 -14.72 -7.24
C THR A 182 -9.42 -15.85 -6.27
N ASN A 183 -10.32 -16.73 -6.72
CA ASN A 183 -10.78 -17.84 -5.89
C ASN A 183 -10.92 -19.14 -6.68
N PRO B 3 23.84 0.27 28.48
CA PRO B 3 22.78 0.26 27.48
C PRO B 3 23.26 0.93 26.19
N LYS B 4 22.92 0.35 25.05
CA LYS B 4 23.39 0.87 23.77
C LYS B 4 22.33 1.73 23.08
N PRO B 5 22.72 2.94 22.65
CA PRO B 5 21.84 3.89 21.97
C PRO B 5 21.24 3.36 20.67
N ILE B 6 20.07 3.88 20.31
CA ILE B 6 19.47 3.59 19.02
C ILE B 6 20.01 4.63 18.04
N VAL B 7 20.54 4.19 16.91
CA VAL B 7 21.11 5.11 15.91
C VAL B 7 20.34 5.12 14.59
N ASP B 8 20.23 6.29 13.96
CA ASP B 8 19.54 6.38 12.68
C ASP B 8 20.41 5.83 11.57
N ILE B 9 19.93 5.84 10.34
CA ILE B 9 20.63 5.18 9.23
C ILE B 9 21.97 5.87 8.93
N ASP B 10 22.08 7.10 9.42
CA ASP B 10 23.26 7.93 9.26
C ASP B 10 24.28 7.58 10.33
N GLY B 11 23.95 6.62 11.17
CA GLY B 11 24.86 6.19 12.21
C GLY B 11 24.87 7.12 13.40
N LYS B 12 23.88 7.98 13.52
CA LYS B 12 23.86 8.93 14.63
C LYS B 12 22.69 8.62 15.56
N PRO B 13 22.85 8.96 16.85
CA PRO B 13 21.87 8.53 17.85
C PRO B 13 20.48 9.05 17.51
N VAL B 14 19.49 8.29 17.94
CA VAL B 14 18.11 8.67 17.76
C VAL B 14 17.67 9.43 19.01
N LEU B 15 17.08 10.62 18.81
CA LEU B 15 16.80 11.52 19.92
C LEU B 15 15.32 11.58 20.26
N TYR B 16 15.03 11.75 21.55
CA TYR B 16 13.66 12.02 21.97
C TYR B 16 13.26 13.42 21.45
N GLY B 17 12.01 13.56 21.00
CA GLY B 17 11.46 14.86 20.65
C GLY B 17 11.81 15.38 19.27
N VAL B 18 12.21 14.49 18.36
CA VAL B 18 12.48 14.86 16.98
C VAL B 18 11.82 13.91 15.99
N ASP B 19 11.44 14.44 14.82
CA ASP B 19 10.76 13.65 13.79
C ASP B 19 11.73 12.71 13.10
N TYR B 20 11.38 11.43 13.05
CA TYR B 20 12.14 10.50 12.25
C TYR B 20 11.21 9.86 11.26
N PHE B 21 11.79 9.06 10.38
CA PHE B 21 11.00 8.21 9.53
C PHE B 21 11.31 6.85 10.03
N VAL B 22 10.29 6.00 10.09
CA VAL B 22 10.49 4.63 10.48
C VAL B 22 10.21 3.83 9.23
N VAL B 23 11.26 3.30 8.61
CA VAL B 23 11.12 2.68 7.31
C VAL B 23 11.63 1.24 7.32
N SER B 24 11.07 0.42 6.44
CA SER B 24 11.49 -0.96 6.33
C SER B 24 13.00 -0.99 6.08
N ALA B 25 13.71 -1.86 6.78
CA ALA B 25 15.13 -2.06 6.50
C ALA B 25 15.32 -2.62 5.09
N ILE B 26 14.34 -3.41 4.64
CA ILE B 26 14.41 -4.02 3.32
C ILE B 26 13.71 -3.17 2.26
N TRP B 27 14.49 -2.63 1.33
CA TRP B 27 14.03 -1.72 0.29
C TRP B 27 13.11 -2.45 -0.68
N GLY B 28 12.32 -1.71 -1.45
CA GLY B 28 11.57 -2.34 -2.52
C GLY B 28 10.47 -3.27 -2.03
N ALA B 29 10.54 -4.53 -2.42
CA ALA B 29 9.51 -5.51 -2.10
C ALA B 29 9.16 -5.52 -0.62
N GLY B 30 10.10 -5.14 0.24
CA GLY B 30 9.83 -5.12 1.67
C GLY B 30 9.46 -3.72 2.11
N GLY B 31 9.46 -2.80 1.15
CA GLY B 31 9.66 -1.39 1.42
C GLY B 31 8.51 -0.55 1.92
N GLY B 32 8.83 0.70 2.22
CA GLY B 32 7.88 1.67 2.69
C GLY B 32 7.97 1.96 4.17
N GLY B 33 7.61 3.19 4.52
CA GLY B 33 7.61 3.62 5.90
C GLY B 33 6.19 3.71 6.43
N LEU B 34 6.07 4.17 7.67
CA LEU B 34 4.82 4.08 8.41
C LEU B 34 3.86 5.25 8.23
N THR B 35 2.58 4.90 8.14
CA THR B 35 1.52 5.86 8.02
C THR B 35 0.25 5.27 8.62
N VAL B 36 -0.88 5.97 8.47
CA VAL B 36 -2.13 5.50 9.08
C VAL B 36 -3.21 5.18 8.06
N TYR B 37 -3.98 4.14 8.33
CA TYR B 37 -5.17 3.89 7.55
C TYR B 37 -6.35 3.56 8.46
N GLY B 38 -7.56 3.90 7.99
CA GLY B 38 -8.78 3.62 8.72
C GLY B 38 -9.19 2.17 8.58
N PRO B 39 -10.41 1.84 9.00
CA PRO B 39 -10.98 0.47 9.00
C PRO B 39 -10.96 -0.15 7.62
N GLY B 40 -10.85 0.70 6.59
CA GLY B 40 -11.06 0.25 5.23
C GLY B 40 -12.56 0.22 5.05
N ASN B 41 -13.03 -0.63 4.15
CA ASN B 41 -14.46 -0.82 3.95
C ASN B 41 -15.23 0.48 3.84
N LYS B 42 -16.32 0.55 4.59
CA LYS B 42 -17.17 1.73 4.59
C LYS B 42 -16.59 2.88 5.42
N LYS B 43 -16.14 2.57 6.64
CA LYS B 43 -15.85 3.58 7.67
C LYS B 43 -14.45 4.16 7.60
N LYS B 44 -14.31 5.45 7.89
CA LYS B 44 -13.00 6.12 7.88
C LYS B 44 -12.30 6.25 9.24
N CYS B 45 -12.98 5.87 10.31
CA CYS B 45 -12.42 6.00 11.66
C CYS B 45 -12.73 4.75 12.45
N PRO B 46 -11.89 4.41 13.43
CA PRO B 46 -10.66 5.09 13.83
C PRO B 46 -9.49 4.63 12.96
N LEU B 47 -8.27 5.04 13.30
CA LEU B 47 -7.12 4.70 12.46
C LEU B 47 -6.16 3.70 13.11
N SER B 48 -5.51 2.88 12.30
CA SER B 48 -4.45 2.02 12.80
C SER B 48 -3.13 2.48 12.21
N VAL B 49 -2.05 1.81 12.60
CA VAL B 49 -0.71 2.09 12.09
C VAL B 49 -0.39 1.06 11.01
N VAL B 50 -0.21 1.54 9.78
CA VAL B 50 -0.02 0.68 8.63
C VAL B 50 1.29 1.02 7.90
N GLN B 51 1.77 0.10 7.08
CA GLN B 51 3.00 0.33 6.32
C GLN B 51 2.71 0.81 4.89
N ASP B 52 3.28 1.94 4.52
CA ASP B 52 3.18 2.40 3.16
C ASP B 52 4.00 1.53 2.21
N PRO B 53 3.42 1.21 1.05
CA PRO B 53 4.09 0.31 0.10
C PRO B 53 5.33 0.98 -0.48
N PHE B 54 5.24 2.28 -0.67
CA PHE B 54 6.19 3.01 -1.51
C PHE B 54 7.09 3.98 -0.75
N ASP B 55 6.51 5.08 -0.29
CA ASP B 55 7.29 6.15 0.29
C ASP B 55 7.65 5.88 1.74
N ASN B 56 8.22 6.91 2.38
CA ASN B 56 8.72 6.81 3.74
C ASN B 56 7.66 7.07 4.80
N GLY B 57 6.43 7.28 4.35
CA GLY B 57 5.30 7.52 5.24
C GLY B 57 5.39 8.79 6.07
N GLU B 58 4.78 8.78 7.24
CA GLU B 58 4.74 9.95 8.12
C GLU B 58 5.88 10.02 9.13
N PRO B 59 6.20 11.25 9.56
CA PRO B 59 7.21 11.52 10.58
C PRO B 59 6.69 11.09 11.93
N ILE B 60 7.58 10.54 12.74
CA ILE B 60 7.21 9.97 14.02
C ILE B 60 8.06 10.61 15.08
N ILE B 61 7.51 10.76 16.28
CA ILE B 61 8.26 11.29 17.39
C ILE B 61 8.17 10.39 18.63
N PHE B 62 9.33 10.02 19.17
CA PHE B 62 9.39 9.25 20.42
C PHE B 62 9.53 10.19 21.62
N SER B 63 8.82 9.87 22.70
CA SER B 63 8.89 10.64 23.94
C SER B 63 9.29 9.73 25.08
N ALA B 64 9.95 10.31 26.10
CA ALA B 64 10.40 9.55 27.26
C ALA B 64 9.42 9.60 28.42
N ILE B 65 9.27 8.45 29.09
CA ILE B 65 8.45 8.36 30.30
C ILE B 65 9.16 8.92 31.53
N LYS B 66 10.43 8.55 31.71
CA LYS B 66 11.29 9.21 32.70
C LYS B 66 12.03 10.36 32.00
N ASN B 67 12.18 11.49 32.68
CA ASN B 67 12.96 12.56 32.07
C ASN B 67 14.34 11.97 31.81
N VAL B 68 14.79 12.04 30.56
CA VAL B 68 16.10 11.48 30.21
C VAL B 68 17.17 12.55 30.13
N LYS B 69 18.25 12.33 30.88
CA LYS B 69 19.33 13.28 30.96
C LYS B 69 19.77 13.68 29.56
N ASP B 70 20.40 12.75 28.84
CA ASP B 70 21.03 13.11 27.58
C ASP B 70 20.10 12.96 26.40
N ASN B 71 18.85 12.59 26.64
CA ASN B 71 17.85 12.71 25.59
C ASN B 71 17.94 11.62 24.53
N ILE B 72 18.95 10.77 24.65
CA ILE B 72 19.20 9.74 23.66
C ILE B 72 18.45 8.45 23.94
N VAL B 73 17.61 8.04 22.98
CA VAL B 73 16.87 6.79 23.04
C VAL B 73 17.76 5.57 23.07
N ARG B 74 17.44 4.62 23.93
CA ARG B 74 18.25 3.43 24.07
C ARG B 74 17.42 2.19 23.81
N GLU B 75 18.12 1.09 23.58
CA GLU B 75 17.51 -0.19 23.25
C GLU B 75 16.74 -0.72 24.46
N SER B 76 15.66 -1.46 24.21
CA SER B 76 14.88 -2.12 25.28
C SER B 76 14.41 -1.20 26.41
N VAL B 77 13.97 -0.01 26.04
CA VAL B 77 13.47 0.95 27.01
C VAL B 77 12.09 1.38 26.55
N ASP B 78 11.10 1.23 27.44
CA ASP B 78 9.75 1.66 27.15
C ASP B 78 9.75 3.11 26.66
N LEU B 79 8.94 3.41 25.67
CA LEU B 79 8.88 4.76 25.12
C LEU B 79 7.52 4.95 24.46
N ASN B 80 7.11 6.20 24.24
CA ASN B 80 5.86 6.48 23.53
C ASN B 80 6.16 6.88 22.11
N VAL B 81 5.26 6.52 21.21
CA VAL B 81 5.45 6.78 19.80
C VAL B 81 4.22 7.49 19.28
N LYS B 82 4.44 8.55 18.51
CA LYS B 82 3.35 9.27 17.89
C LYS B 82 3.78 9.68 16.48
N PHE B 83 2.80 10.14 15.69
CA PHE B 83 3.05 10.79 14.42
C PHE B 83 3.00 12.32 14.64
N ASN B 84 3.83 13.10 13.93
CA ASN B 84 3.61 14.54 13.94
C ASN B 84 2.83 14.75 12.66
N ILE B 85 1.52 14.93 12.84
CA ILE B 85 0.55 15.11 11.75
C ILE B 85 -0.81 15.52 12.31
N THR B 86 -1.75 15.80 11.41
CA THR B 86 -3.12 16.13 11.78
C THR B 86 -4.04 15.10 11.14
N ILE B 87 -4.84 14.42 11.95
CA ILE B 87 -5.70 13.40 11.41
C ILE B 87 -7.14 13.87 11.21
N ASN B 88 -7.95 13.00 10.63
CA ASN B 88 -9.33 13.33 10.33
C ASN B 88 -10.31 12.93 11.43
N CYS B 89 -9.84 12.20 12.44
CA CYS B 89 -10.74 11.75 13.48
C CYS B 89 -10.37 12.51 14.73
N ASN B 90 -11.11 12.29 15.81
CA ASN B 90 -10.63 12.74 17.10
C ASN B 90 -10.13 11.50 17.80
N GLU B 91 -8.81 11.39 17.84
CA GLU B 91 -8.08 10.48 18.70
C GLU B 91 -6.68 11.07 18.70
N THR B 92 -5.84 10.71 19.67
CA THR B 92 -4.48 11.21 19.66
C THR B 92 -3.69 10.47 18.58
N THR B 93 -2.60 11.07 18.14
CA THR B 93 -1.80 10.49 17.06
C THR B 93 -0.78 9.48 17.60
N ALA B 94 -0.83 9.25 18.91
CA ALA B 94 0.08 8.33 19.58
C ALA B 94 -0.30 6.86 19.40
N TRP B 95 0.68 5.98 19.51
CA TRP B 95 0.47 4.55 19.29
C TRP B 95 -0.05 3.82 20.53
N LYS B 96 -0.93 2.86 20.29
CA LYS B 96 -1.43 1.94 21.30
C LYS B 96 -1.60 0.56 20.67
N VAL B 97 -1.61 -0.46 21.51
CA VAL B 97 -1.70 -1.86 21.08
C VAL B 97 -3.11 -2.46 21.00
N ASP B 98 -4.13 -1.62 21.09
CA ASP B 98 -5.51 -2.08 21.27
C ASP B 98 -6.05 -2.85 20.05
N ARG B 99 -7.31 -3.26 20.12
CA ARG B 99 -7.99 -4.04 19.07
C ARG B 99 -8.59 -3.20 17.95
N PHE B 100 -8.60 -3.75 16.74
CA PHE B 100 -9.02 -3.05 15.53
C PHE B 100 -9.97 -3.94 14.69
N PRO B 101 -10.98 -3.32 14.04
CA PRO B 101 -12.02 -3.99 13.24
C PRO B 101 -11.51 -4.78 12.05
N GLY B 102 -11.96 -6.01 11.90
CA GLY B 102 -11.52 -6.87 10.83
C GLY B 102 -10.09 -7.36 11.04
N VAL B 103 -9.56 -7.11 12.23
CA VAL B 103 -8.28 -7.69 12.61
C VAL B 103 -8.35 -8.38 13.95
N ILE B 104 -8.19 -9.70 13.93
CA ILE B 104 -8.26 -10.50 15.15
C ILE B 104 -6.90 -10.44 15.84
N GLY B 105 -6.92 -10.29 17.17
CA GLY B 105 -5.66 -10.13 17.89
C GLY B 105 -5.38 -8.66 18.16
N TRP B 106 -4.13 -8.35 18.44
CA TRP B 106 -3.78 -7.00 18.86
C TRP B 106 -3.02 -6.17 17.84
N THR B 107 -3.63 -5.07 17.43
CA THR B 107 -3.08 -4.21 16.41
C THR B 107 -2.49 -2.97 17.04
N VAL B 108 -1.44 -2.43 16.42
CA VAL B 108 -0.94 -1.14 16.82
C VAL B 108 -1.90 -0.15 16.20
N THR B 109 -2.54 0.65 17.06
CA THR B 109 -3.49 1.64 16.58
C THR B 109 -3.15 3.00 17.17
N LEU B 110 -4.01 3.97 16.89
CA LEU B 110 -3.88 5.31 17.47
C LEU B 110 -4.78 5.43 18.69
N GLY B 111 -4.89 6.64 19.21
CA GLY B 111 -5.66 6.87 20.41
C GLY B 111 -4.90 6.38 21.62
N GLY B 112 -3.62 6.74 21.67
CA GLY B 112 -2.75 6.42 22.79
C GLY B 112 -2.47 7.62 23.67
N GLU B 113 -1.74 7.42 24.76
CA GLU B 113 -1.53 8.47 25.73
C GLU B 113 -0.06 8.56 26.07
N LYS B 114 0.33 9.63 26.78
CA LYS B 114 1.76 9.88 26.96
C LYS B 114 2.45 9.08 28.08
N GLY B 115 2.24 9.39 29.35
CA GLY B 115 3.06 8.79 30.41
C GLY B 115 2.55 7.46 30.96
N TYR B 116 2.81 7.17 32.25
CA TYR B 116 2.05 6.10 32.90
C TYR B 116 0.89 6.72 33.66
N HIS B 117 -0.31 6.55 33.11
CA HIS B 117 -1.56 6.91 33.76
C HIS B 117 -2.35 5.75 34.34
N GLY B 118 -1.84 4.54 34.15
CA GLY B 118 -2.53 3.37 34.64
C GLY B 118 -2.25 2.18 33.73
N PHE B 119 -2.94 1.08 33.99
CA PHE B 119 -2.71 -0.16 33.27
C PHE B 119 -2.85 0.07 31.78
N GLU B 120 -3.99 0.64 31.40
CA GLU B 120 -4.26 0.89 29.99
C GLU B 120 -3.19 1.76 29.35
N SER B 121 -2.65 2.71 30.11
CA SER B 121 -1.65 3.60 29.55
C SER B 121 -0.45 2.82 29.04
N THR B 122 -0.24 1.62 29.58
CA THR B 122 0.93 0.81 29.22
C THR B 122 0.79 0.24 27.82
N HIS B 123 -0.43 0.26 27.27
CA HIS B 123 -0.67 -0.26 25.93
C HIS B 123 -0.06 0.63 24.84
N SER B 124 0.35 1.84 25.25
CA SER B 124 1.04 2.77 24.37
C SER B 124 2.56 2.68 24.53
N MET B 125 3.01 1.76 25.38
CA MET B 125 4.43 1.64 25.68
C MET B 125 5.14 0.63 24.79
N PHE B 126 6.16 1.10 24.07
CA PHE B 126 6.91 0.23 23.17
C PHE B 126 8.41 0.22 23.47
N LYS B 127 9.04 -0.92 23.14
CA LYS B 127 10.48 -1.02 23.23
C LYS B 127 11.07 -1.12 21.83
N ILE B 128 12.29 -0.63 21.73
CA ILE B 128 13.04 -0.75 20.49
C ILE B 128 14.22 -1.64 20.77
N LYS B 129 14.33 -2.73 20.02
CA LYS B 129 15.45 -3.63 20.21
C LYS B 129 16.22 -3.79 18.90
N LYS B 130 17.50 -4.09 19.01
CA LYS B 130 18.31 -4.25 17.82
C LYS B 130 17.81 -5.50 17.09
N ALA B 131 17.88 -5.48 15.76
CA ALA B 131 17.44 -6.60 14.93
C ALA B 131 18.59 -7.12 14.07
N GLY B 132 18.28 -8.07 13.20
CA GLY B 132 19.28 -8.72 12.36
C GLY B 132 20.12 -7.84 11.45
N LEU B 133 19.48 -7.07 10.59
CA LEU B 133 20.20 -6.19 9.68
C LEU B 133 21.03 -5.16 10.48
N PRO B 134 22.06 -4.57 9.85
CA PRO B 134 22.86 -3.52 10.49
C PRO B 134 22.07 -2.23 10.52
N PHE B 135 22.16 -1.47 11.59
CA PHE B 135 21.36 -0.27 11.71
C PHE B 135 19.87 -0.61 11.84
N SER B 136 19.56 -1.92 11.79
CA SER B 136 18.18 -2.41 11.84
C SER B 136 17.65 -2.59 13.26
N TYR B 137 16.44 -2.10 13.48
CA TYR B 137 15.76 -2.30 14.75
C TYR B 137 14.34 -2.81 14.54
N LYS B 138 13.66 -3.10 15.64
CA LYS B 138 12.31 -3.64 15.62
C LYS B 138 11.58 -3.21 16.86
N PHE B 139 10.25 -3.26 16.80
CA PHE B 139 9.41 -2.92 17.94
C PHE B 139 8.94 -4.15 18.66
N HIS B 140 9.14 -4.11 19.96
CA HIS B 140 8.74 -5.19 20.82
C HIS B 140 7.84 -4.59 21.89
N PHE B 141 6.70 -5.24 22.15
CA PHE B 141 5.81 -4.77 23.18
C PHE B 141 5.92 -5.65 24.42
N CYS B 142 6.58 -5.16 25.46
CA CYS B 142 6.45 -5.72 26.81
C CYS B 142 6.64 -4.69 27.92
N PRO B 143 5.62 -3.86 28.22
CA PRO B 143 5.87 -2.79 29.21
C PRO B 143 6.48 -3.24 30.54
N SER B 144 7.28 -2.35 31.12
CA SER B 144 7.94 -2.52 32.42
C SER B 144 7.12 -1.88 33.53
N TYR B 145 5.93 -1.43 33.17
CA TYR B 145 5.09 -0.72 34.11
C TYR B 145 3.88 -1.55 34.43
N PRO B 146 3.34 -1.35 35.64
CA PRO B 146 2.27 -2.23 36.15
C PRO B 146 1.08 -2.29 35.18
N ARG B 147 0.68 -3.52 34.86
CA ARG B 147 -0.38 -3.79 33.90
C ARG B 147 -0.98 -5.18 34.12
N THR B 148 -2.15 -5.43 33.57
CA THR B 148 -2.75 -6.74 33.69
C THR B 148 -2.10 -7.70 32.70
N ARG B 149 -2.52 -8.96 32.75
CA ARG B 149 -1.96 -10.04 31.94
C ARG B 149 -2.75 -10.23 30.64
N LEU B 150 -3.69 -9.32 30.40
CA LEU B 150 -4.53 -9.33 29.21
C LEU B 150 -3.71 -9.47 27.95
N ILE B 151 -2.73 -8.58 27.77
CA ILE B 151 -1.95 -8.56 26.53
C ILE B 151 -0.59 -9.23 26.67
N PRO B 152 -0.38 -10.30 25.89
CA PRO B 152 0.88 -11.04 25.78
C PRO B 152 1.98 -10.12 25.28
N CYS B 153 3.21 -10.51 25.55
CA CYS B 153 4.37 -9.78 25.05
C CYS B 153 4.75 -10.42 23.74
N ASN B 154 4.94 -9.60 22.72
CA ASN B 154 5.22 -10.11 21.40
C ASN B 154 5.89 -9.06 20.53
N ASN B 155 6.54 -9.51 19.47
CA ASN B 155 7.18 -8.63 18.50
C ASN B 155 6.18 -7.94 17.60
N VAL B 156 6.58 -6.85 16.95
CA VAL B 156 5.71 -6.19 15.97
C VAL B 156 6.03 -6.59 14.53
N ASP B 157 4.99 -6.77 13.73
CA ASP B 157 5.14 -7.20 12.33
C ASP B 157 3.95 -6.81 11.45
N ILE B 158 4.15 -6.89 10.15
CA ILE B 158 3.12 -6.49 9.20
C ILE B 158 2.17 -7.64 8.87
N PHE B 159 0.89 -7.31 8.83
CA PHE B 159 -0.18 -8.23 8.47
C PHE B 159 -1.02 -7.63 7.35
N PHE B 160 -1.23 -8.40 6.28
CA PHE B 160 -2.16 -8.01 5.21
C PHE B 160 -3.55 -8.46 5.56
N ASP B 161 -4.49 -7.53 5.69
CA ASP B 161 -5.86 -7.91 5.99
C ASP B 161 -6.62 -8.13 4.69
N LYS B 162 -7.91 -8.44 4.80
CA LYS B 162 -8.74 -8.77 3.63
C LYS B 162 -8.66 -7.69 2.55
N TYR B 163 -8.42 -6.45 2.97
CA TYR B 163 -8.34 -5.33 2.04
C TYR B 163 -6.89 -5.16 1.56
N ARG B 164 -6.02 -6.07 2.00
CA ARG B 164 -4.61 -6.05 1.64
C ARG B 164 -3.86 -4.83 2.20
N ILE B 165 -4.39 -4.25 3.29
CA ILE B 165 -3.70 -3.18 4.01
C ILE B 165 -2.59 -3.82 4.82
N ARG B 166 -1.49 -3.09 5.03
CA ARG B 166 -0.43 -3.66 5.82
C ARG B 166 -0.59 -3.07 7.20
N ARG B 167 -1.09 -3.91 8.09
CA ARG B 167 -1.40 -3.54 9.47
C ARG B 167 -0.22 -3.90 10.31
N LEU B 168 0.07 -3.09 11.33
CA LEU B 168 1.09 -3.47 12.27
C LEU B 168 0.44 -4.17 13.42
N ILE B 169 0.89 -5.38 13.71
CA ILE B 169 0.24 -6.17 14.71
C ILE B 169 1.26 -6.87 15.60
N LEU B 170 0.78 -7.34 16.75
CA LEU B 170 1.62 -8.13 17.63
C LEU B 170 1.71 -9.57 17.12
N THR B 171 2.93 -10.08 16.98
CA THR B 171 3.11 -11.48 16.64
C THR B 171 4.52 -12.00 16.93
N ASN B 172 4.75 -13.27 16.63
CA ASN B 172 6.06 -13.88 16.87
C ASN B 172 7.17 -13.15 16.11
N ASP B 173 7.04 -13.04 14.80
CA ASP B 173 8.07 -12.38 13.98
C ASP B 173 8.03 -10.87 14.14
N ALA B 174 9.12 -10.20 13.76
CA ALA B 174 9.19 -8.74 13.83
C ALA B 174 9.61 -8.14 12.50
N LYS B 175 9.06 -6.98 12.18
CA LYS B 175 9.45 -6.28 10.97
C LYS B 175 10.70 -5.46 11.29
N GLU B 176 11.64 -5.41 10.35
CA GLU B 176 12.91 -4.74 10.52
CA GLU B 176 12.89 -4.71 10.58
C GLU B 176 12.89 -3.30 9.99
N PHE B 177 13.09 -2.32 10.87
CA PHE B 177 13.09 -0.89 10.47
C PHE B 177 14.42 -0.17 10.67
N VAL B 178 14.62 0.90 9.91
CA VAL B 178 15.73 1.82 10.14
C VAL B 178 15.18 3.20 10.43
N PHE B 179 15.94 4.03 11.13
CA PHE B 179 15.48 5.37 11.49
C PHE B 179 16.21 6.42 10.70
N ILE B 180 15.45 7.37 10.20
CA ILE B 180 15.97 8.39 9.32
C ILE B 180 15.47 9.75 9.78
N LYS B 181 16.38 10.64 10.15
CA LYS B 181 15.98 11.99 10.49
C LYS B 181 15.23 12.59 9.29
N THR B 182 14.20 13.38 9.60
CA THR B 182 13.33 13.95 8.58
C THR B 182 13.97 15.19 7.94
N ASN B 183 15.08 15.67 8.52
CA ASN B 183 15.84 16.79 7.96
C ASN B 183 16.86 16.35 6.90
C1 NAG C . -16.35 -8.57 -5.67
C2 NAG C . -16.66 -10.01 -6.12
C3 NAG C . -17.81 -10.64 -5.34
C4 NAG C . -17.66 -10.42 -3.84
C5 NAG C . -17.28 -8.98 -3.51
C6 NAG C . -16.94 -8.86 -2.02
C7 NAG C . -17.91 -9.59 -8.27
C8 NAG C . -17.96 -9.99 -9.71
N2 NAG C . -16.87 -10.09 -7.58
O3 NAG C . -17.80 -12.05 -5.53
O4 NAG C . -18.85 -10.79 -3.18
O5 NAG C . -16.15 -8.57 -4.27
O6 NAG C . -16.69 -7.50 -1.73
O7 NAG C . -18.78 -8.86 -7.80
C ACT D . 8.28 -6.78 -18.40
O ACT D . 8.47 -7.61 -19.29
OXT ACT D . 9.21 -6.14 -17.97
CH3 ACT D . 6.89 -6.58 -17.85
C1 GOL E . -20.30 -9.78 -18.68
O1 GOL E . -19.47 -8.64 -18.52
C2 GOL E . -20.75 -10.46 -17.38
O2 GOL E . -22.14 -10.40 -17.22
C3 GOL E . -20.45 -11.94 -17.41
O3 GOL E . -20.62 -12.48 -16.12
C FMT F . 6.52 -11.09 -7.55
O1 FMT F . 6.86 -10.34 -8.44
O2 FMT F . 7.00 -10.91 -6.31
C1 NAG G . 5.89 18.96 13.25
C2 NAG G . 7.14 19.38 14.03
C3 NAG G . 7.61 20.79 13.66
C4 NAG G . 7.53 21.07 12.15
C5 NAG G . 6.27 20.49 11.51
C6 NAG G . 6.29 20.57 9.98
C7 NAG G . 6.11 19.92 16.26
C8 NAG G . 6.23 19.66 17.73
N2 NAG G . 6.94 19.22 15.47
O3 NAG G . 8.95 20.98 14.02
O4 NAG G . 7.61 22.47 11.96
O5 NAG G . 6.12 19.14 11.87
O6 NAG G . 7.36 19.81 9.49
O7 NAG G . 5.28 20.74 15.85
C ACT H . 5.70 -5.87 3.50
O ACT H . 4.94 -4.93 3.32
OXT ACT H . 6.05 -6.16 4.63
CH3 ACT H . 6.20 -6.66 2.32
C ACT I . -3.94 -3.94 30.69
O ACT I . -3.62 -2.86 31.15
OXT ACT I . -5.12 -4.19 30.48
CH3 ACT I . -2.88 -4.97 30.37
C ACT J . 0.18 -11.41 5.85
O ACT J . 1.33 -11.79 5.71
OXT ACT J . -0.09 -10.22 5.72
CH3 ACT J . -0.91 -12.40 6.17
C ACT K . 10.03 -9.78 1.14
O ACT K . 10.81 -9.55 0.23
OXT ACT K . 9.84 -8.95 2.01
CH3 ACT K . 9.30 -11.10 1.20
C FMT L . -10.09 -8.02 25.40
O1 FMT L . -10.38 -8.81 24.55
O2 FMT L . -10.38 -6.72 25.26
#